data_8RXP
#
_entry.id   8RXP
#
_cell.length_a   113.754
_cell.length_b   61.320
_cell.length_c   80.055
_cell.angle_alpha   90.00
_cell.angle_beta   111.60
_cell.angle_gamma   90.00
#
_symmetry.space_group_name_H-M   'C 1 2 1'
#
loop_
_entity.id
_entity.type
_entity.pdbx_description
1 polymer 'Transcriptional enhancer factor TEF-4'
2 non-polymer 2-(5-phenylmethoxy-1~{H}-indol-3-yl)ethanol
3 water water
#
_entity_poly.entity_id   1
_entity_poly.type   'polypeptide(L)'
_entity_poly.pdbx_seq_one_letter_code
;MAWQARGLGTARLQLVEFSAFVEPPDAVDSYQRHLFVHISQHCPSPGAPPLESVDVRQIYDKFPEKKGGLRELYDRGPPH
AFFLVKFWADLNWGPSGEEAGAGGSISSGGFYGVSSQYESLEHMTLTCSSKVCSFGKQVVEKVETERAQLEDGRFVYRLL
RSPMCEYLVNFLHKLRQLPERYMMNSVLENFTILQVVTNRDTQELLLCTAYVFEVSTSERGAQHHIYRLVRDVEHHHHHH
;
_entity_poly.pdbx_strand_id   B,A
#
# COMPACT_ATOMS: atom_id res chain seq x y z
N ALA A 5 -16.28 -24.07 -7.32
CA ALA A 5 -15.69 -22.84 -7.90
C ALA A 5 -15.18 -23.11 -9.32
N ARG A 6 -15.56 -22.26 -10.28
CA ARG A 6 -15.20 -22.48 -11.68
C ARG A 6 -14.33 -21.38 -12.27
N GLY A 7 -13.94 -20.38 -11.49
CA GLY A 7 -13.00 -19.36 -11.92
C GLY A 7 -12.42 -18.68 -10.70
N LEU A 8 -11.52 -17.73 -10.95
CA LEU A 8 -10.96 -16.92 -9.88
C LEU A 8 -12.00 -15.90 -9.43
N GLY A 9 -12.87 -16.34 -8.53
CA GLY A 9 -13.85 -15.45 -7.95
C GLY A 9 -14.89 -16.17 -7.13
N THR A 10 -15.58 -15.43 -6.28
CA THR A 10 -16.64 -15.97 -5.47
C THR A 10 -17.96 -15.36 -5.90
N ALA A 11 -18.99 -15.69 -5.14
CA ALA A 11 -20.34 -15.28 -5.48
C ALA A 11 -20.56 -13.79 -5.27
N ARG A 12 -19.73 -13.13 -4.46
CA ARG A 12 -19.80 -11.70 -4.23
C ARG A 12 -18.88 -10.92 -5.16
N LEU A 13 -17.72 -11.47 -5.50
CA LEU A 13 -16.73 -10.70 -6.23
C LEU A 13 -16.05 -11.63 -7.22
N GLN A 14 -15.96 -11.17 -8.46
CA GLN A 14 -15.34 -11.92 -9.54
C GLN A 14 -14.24 -11.07 -10.14
N LEU A 15 -13.11 -11.70 -10.44
CA LEU A 15 -12.02 -11.03 -11.13
C LEU A 15 -12.27 -11.11 -12.62
N VAL A 16 -12.31 -9.97 -13.28
CA VAL A 16 -12.57 -9.94 -14.71
C VAL A 16 -11.27 -9.97 -15.47
N GLU A 17 -10.31 -9.18 -15.01
CA GLU A 17 -9.06 -9.02 -15.72
C GLU A 17 -7.99 -8.64 -14.73
N PHE A 18 -6.79 -9.12 -14.99
CA PHE A 18 -5.62 -8.66 -14.28
C PHE A 18 -4.46 -8.81 -15.23
N SER A 19 -3.54 -7.85 -15.19
CA SER A 19 -2.32 -8.04 -15.95
C SER A 19 -1.25 -7.09 -15.43
N ALA A 20 -0.02 -7.49 -15.68
CA ALA A 20 1.14 -6.66 -15.42
C ALA A 20 1.82 -6.51 -16.76
N PHE A 21 2.18 -5.29 -17.13
CA PHE A 21 2.59 -5.04 -18.49
C PHE A 21 3.64 -3.95 -18.47
N VAL A 22 4.33 -3.79 -19.59
CA VAL A 22 5.18 -2.63 -19.85
C VAL A 22 4.86 -2.08 -21.24
N GLU A 23 4.68 -0.76 -21.33
CA GLU A 23 4.56 -0.10 -22.64
C GLU A 23 5.89 0.58 -22.95
N PRO A 24 6.52 0.29 -24.08
CA PRO A 24 7.82 0.90 -24.36
C PRO A 24 7.65 2.36 -24.72
N PRO A 25 8.72 3.15 -24.64
CA PRO A 25 8.58 4.58 -25.00
C PRO A 25 7.99 4.80 -26.37
N ASP A 26 8.30 3.93 -27.34
CA ASP A 26 7.68 3.97 -28.65
C ASP A 26 6.16 3.91 -28.60
N ALA A 27 5.58 3.60 -27.43
CA ALA A 27 4.16 3.30 -27.35
C ALA A 27 3.32 4.46 -27.87
N VAL A 28 3.77 5.70 -27.62
CA VAL A 28 3.05 6.90 -28.02
C VAL A 28 3.20 7.22 -29.50
N ASP A 29 4.04 6.49 -30.22
CA ASP A 29 4.12 6.59 -31.67
C ASP A 29 3.21 5.54 -32.30
N SER A 30 3.60 4.28 -32.20
CA SER A 30 2.73 3.15 -32.49
C SER A 30 2.60 2.32 -31.21
N TYR A 31 1.38 1.95 -30.87
CA TYR A 31 1.14 1.41 -29.55
C TYR A 31 1.55 -0.06 -29.46
N GLN A 32 2.04 -0.43 -28.28
CA GLN A 32 2.30 -1.83 -27.97
C GLN A 32 2.39 -1.93 -26.47
N ARG A 33 2.01 -3.09 -25.93
CA ARG A 33 2.30 -3.39 -24.55
C ARG A 33 2.74 -4.85 -24.44
N HIS A 34 3.75 -5.10 -23.63
CA HIS A 34 4.16 -6.46 -23.33
C HIS A 34 3.53 -6.87 -22.00
N LEU A 35 2.92 -8.06 -21.99
CA LEU A 35 2.30 -8.61 -20.81
C LEU A 35 3.24 -9.60 -20.11
N PHE A 36 3.54 -9.33 -18.85
CA PHE A 36 4.29 -10.29 -18.06
C PHE A 36 3.39 -11.44 -17.61
N VAL A 37 2.19 -11.10 -17.16
CA VAL A 37 1.18 -12.04 -16.71
C VAL A 37 -0.18 -11.42 -17.00
N HIS A 38 -1.14 -12.27 -17.38
CA HIS A 38 -2.45 -11.79 -17.82
C HIS A 38 -3.51 -12.80 -17.48
N ILE A 39 -4.47 -12.44 -16.64
CA ILE A 39 -5.70 -13.21 -16.52
C ILE A 39 -6.83 -12.46 -17.20
N SER A 40 -7.62 -13.17 -17.98
CA SER A 40 -8.78 -12.59 -18.65
C SER A 40 -9.94 -13.54 -18.46
N GLN A 41 -10.92 -13.14 -17.65
CA GLN A 41 -12.12 -13.96 -17.47
C GLN A 41 -13.33 -13.23 -18.04
N HIS A 42 -13.26 -12.84 -19.31
CA HIS A 42 -14.38 -12.17 -20.01
C HIS A 42 -15.43 -13.16 -20.50
N PRO A 49 -16.25 -27.43 -15.67
CA PRO A 49 -15.55 -28.13 -14.59
C PRO A 49 -15.09 -27.16 -13.54
N PRO A 50 -14.90 -27.64 -12.31
CA PRO A 50 -14.36 -26.80 -11.23
C PRO A 50 -12.84 -26.79 -11.30
N LEU A 51 -12.20 -25.78 -10.72
CA LEU A 51 -10.77 -25.68 -10.80
C LEU A 51 -10.17 -26.78 -9.95
N GLU A 52 -8.87 -26.95 -10.06
CA GLU A 52 -8.16 -27.95 -9.26
C GLU A 52 -7.94 -27.44 -7.85
N SER A 53 -7.70 -28.36 -6.92
CA SER A 53 -7.41 -28.02 -5.53
C SER A 53 -5.91 -27.99 -5.30
N VAL A 54 -5.50 -27.17 -4.35
CA VAL A 54 -4.18 -27.23 -3.74
C VAL A 54 -4.35 -26.93 -2.26
N ASP A 55 -3.70 -27.73 -1.43
CA ASP A 55 -3.87 -27.61 0.01
C ASP A 55 -3.07 -26.43 0.53
N VAL A 56 -3.75 -25.57 1.30
CA VAL A 56 -3.14 -24.31 1.72
C VAL A 56 -1.90 -24.56 2.56
N ARG A 57 -1.88 -25.66 3.32
CA ARG A 57 -0.71 -25.99 4.14
C ARG A 57 0.58 -26.03 3.32
N GLN A 58 0.47 -26.42 2.05
CA GLN A 58 1.62 -26.49 1.14
C GLN A 58 2.33 -25.15 0.97
N ILE A 59 1.60 -24.04 1.03
CA ILE A 59 2.15 -22.74 0.66
C ILE A 59 2.25 -21.79 1.84
N TYR A 60 2.07 -22.29 3.08
CA TYR A 60 2.26 -21.44 4.25
C TYR A 60 3.66 -20.83 4.26
N ASP A 61 4.70 -21.67 4.16
CA ASP A 61 6.08 -21.21 4.28
C ASP A 61 6.53 -20.32 3.12
N LYS A 62 5.67 -20.03 2.15
CA LYS A 62 6.00 -19.11 1.06
C LYS A 62 5.49 -17.69 1.31
N PHE A 63 4.76 -17.46 2.40
CA PHE A 63 4.16 -16.15 2.67
C PHE A 63 4.42 -15.75 4.11
N PRO A 64 4.10 -14.51 4.49
CA PRO A 64 4.36 -14.08 5.88
C PRO A 64 3.59 -14.98 6.85
N GLU A 65 3.89 -14.80 8.14
CA GLU A 65 3.30 -15.65 9.17
C GLU A 65 2.34 -14.82 10.05
N LYS A 66 1.07 -15.20 10.05
CA LYS A 66 0.05 -14.53 10.86
C LYS A 66 0.02 -13.05 10.51
N LYS A 67 -0.51 -12.23 11.43
CA LYS A 67 -0.47 -10.77 11.34
C LYS A 67 -0.58 -10.24 9.91
N GLY A 68 -1.27 -10.97 9.04
CA GLY A 68 -1.35 -10.61 7.64
C GLY A 68 -0.91 -11.75 6.76
N GLY A 69 -0.71 -12.92 7.39
CA GLY A 69 -0.24 -14.11 6.71
C GLY A 69 -1.36 -15.04 6.27
N LEU A 70 -0.98 -16.04 5.46
CA LEU A 70 -1.97 -16.88 4.81
C LEU A 70 -2.79 -17.68 5.82
N ARG A 71 -2.13 -18.27 6.82
CA ARG A 71 -2.87 -19.19 7.68
C ARG A 71 -3.77 -18.47 8.66
N GLU A 72 -3.35 -17.29 9.14
CA GLU A 72 -4.28 -16.45 9.89
C GLU A 72 -5.50 -16.09 9.06
N LEU A 73 -5.29 -15.83 7.76
CA LEU A 73 -6.39 -15.45 6.87
C LEU A 73 -7.30 -16.64 6.59
N TYR A 74 -6.73 -17.71 6.06
CA TYR A 74 -7.54 -18.87 5.73
C TYR A 74 -8.32 -19.37 6.94
N ASP A 75 -7.77 -19.17 8.15
CA ASP A 75 -8.46 -19.58 9.37
C ASP A 75 -9.62 -18.68 9.74
N ARG A 76 -9.65 -17.45 9.22
CA ARG A 76 -10.82 -16.60 9.36
C ARG A 76 -11.80 -16.73 8.20
N GLY A 77 -11.49 -17.61 7.24
CA GLY A 77 -12.40 -17.95 6.17
C GLY A 77 -12.81 -16.74 5.35
N PRO A 78 -13.72 -16.95 4.39
CA PRO A 78 -14.33 -18.22 4.01
C PRO A 78 -13.49 -18.98 3.01
N PRO A 79 -13.31 -20.30 3.20
CA PRO A 79 -12.36 -21.05 2.36
C PRO A 79 -12.62 -20.94 0.88
N HIS A 80 -13.84 -20.62 0.46
CA HIS A 80 -14.14 -20.50 -0.96
C HIS A 80 -13.62 -19.20 -1.55
N ALA A 81 -13.10 -18.31 -0.71
CA ALA A 81 -12.51 -17.06 -1.15
C ALA A 81 -11.05 -17.17 -1.58
N PHE A 82 -10.36 -18.28 -1.28
CA PHE A 82 -8.91 -18.38 -1.45
C PHE A 82 -8.53 -19.14 -2.71
N PHE A 83 -7.63 -18.55 -3.49
CA PHE A 83 -7.20 -19.11 -4.75
C PHE A 83 -5.69 -19.01 -4.85
N LEU A 84 -5.10 -19.95 -5.60
CA LEU A 84 -3.68 -19.94 -5.94
C LEU A 84 -3.55 -19.82 -7.46
N VAL A 85 -2.77 -18.85 -7.90
CA VAL A 85 -2.52 -18.61 -9.31
C VAL A 85 -1.04 -18.83 -9.52
N LYS A 86 -0.71 -19.83 -10.31
CA LYS A 86 0.64 -20.04 -10.78
C LYS A 86 0.78 -19.31 -12.12
N PHE A 87 1.71 -18.36 -12.19
CA PHE A 87 2.01 -17.65 -13.42
C PHE A 87 3.27 -18.22 -14.08
N TRP A 88 3.28 -18.22 -15.40
CA TRP A 88 4.46 -18.38 -16.23
C TRP A 88 4.69 -17.05 -16.92
N ALA A 89 5.64 -16.28 -16.41
CA ALA A 89 5.81 -14.91 -16.81
C ALA A 89 6.68 -14.81 -18.05
N ASP A 90 6.29 -13.94 -18.98
CA ASP A 90 7.06 -13.69 -20.20
C ASP A 90 8.00 -12.54 -19.92
N LEU A 91 9.28 -12.85 -19.71
CA LEU A 91 10.30 -11.86 -19.39
C LEU A 91 11.13 -11.47 -20.60
N ASN A 92 10.53 -11.49 -21.79
CA ASN A 92 11.25 -11.23 -23.04
C ASN A 92 10.60 -10.05 -23.73
N TRP A 93 11.17 -8.86 -23.59
CA TRP A 93 10.56 -7.66 -24.19
C TRP A 93 11.55 -6.56 -24.60
N SER A 108 15.39 0.27 -22.68
CA SER A 108 14.72 0.42 -21.39
C SER A 108 14.07 1.79 -21.22
N GLY A 109 13.36 1.96 -20.09
CA GLY A 109 12.81 3.26 -19.73
C GLY A 109 11.40 3.51 -20.21
N GLY A 110 10.47 2.59 -19.94
CA GLY A 110 9.11 2.75 -20.39
C GLY A 110 8.14 2.79 -19.22
N PHE A 111 6.87 2.51 -19.47
CA PHE A 111 5.86 2.53 -18.42
C PHE A 111 5.47 1.10 -18.06
N TYR A 112 5.59 0.79 -16.77
CA TYR A 112 5.28 -0.51 -16.21
C TYR A 112 4.05 -0.37 -15.35
N GLY A 113 3.02 -1.18 -15.64
CA GLY A 113 1.75 -0.98 -14.98
C GLY A 113 1.08 -2.30 -14.64
N VAL A 114 0.12 -2.18 -13.72
CA VAL A 114 -0.73 -3.26 -13.26
C VAL A 114 -2.18 -2.79 -13.35
N SER A 115 -3.06 -3.69 -13.74
CA SER A 115 -4.45 -3.39 -14.02
C SER A 115 -5.32 -4.50 -13.46
N SER A 116 -6.31 -4.11 -12.66
CA SER A 116 -7.24 -5.04 -12.04
C SER A 116 -8.66 -4.56 -12.29
N GLN A 117 -9.53 -5.47 -12.68
CA GLN A 117 -10.95 -5.18 -12.73
C GLN A 117 -11.69 -6.33 -12.05
N TYR A 118 -12.61 -5.99 -11.16
CA TYR A 118 -13.52 -6.92 -10.49
C TYR A 118 -14.96 -6.53 -10.79
N GLU A 119 -15.88 -7.44 -10.46
CA GLU A 119 -17.28 -7.25 -10.78
C GLU A 119 -18.12 -7.91 -9.71
N SER A 120 -19.13 -7.21 -9.23
CA SER A 120 -20.07 -7.81 -8.32
C SER A 120 -21.48 -7.34 -8.65
N LEU A 121 -22.44 -8.00 -8.01
CA LEU A 121 -23.82 -7.56 -8.07
C LEU A 121 -24.17 -6.66 -6.90
N GLU A 122 -23.48 -6.80 -5.77
CA GLU A 122 -23.66 -5.88 -4.65
C GLU A 122 -22.81 -4.64 -4.85
N HIS A 123 -23.36 -3.49 -4.47
CA HIS A 123 -22.59 -2.26 -4.36
C HIS A 123 -21.72 -2.33 -3.12
N MET A 124 -20.41 -2.14 -3.30
CA MET A 124 -19.48 -2.24 -2.20
C MET A 124 -18.40 -1.18 -2.39
N THR A 125 -17.66 -0.93 -1.33
CA THR A 125 -16.35 -0.33 -1.48
C THR A 125 -15.29 -1.37 -1.12
N LEU A 126 -14.23 -1.41 -1.92
CA LEU A 126 -13.21 -2.44 -1.85
C LEU A 126 -11.88 -1.86 -1.37
N THR A 127 -11.20 -2.59 -0.51
CA THR A 127 -9.78 -2.39 -0.26
C THR A 127 -9.03 -3.56 -0.89
N CYS A 128 -8.04 -3.25 -1.73
CA CYS A 128 -7.20 -4.27 -2.34
C CYS A 128 -5.78 -4.09 -1.80
N SER A 129 -5.37 -5.01 -0.95
CA SER A 129 -4.01 -5.09 -0.44
C SER A 129 -3.24 -6.09 -1.29
N SER A 130 -2.09 -5.69 -1.80
CA SER A 130 -1.22 -6.65 -2.47
C SER A 130 0.14 -6.59 -1.79
N LYS A 131 0.57 -7.73 -1.25
CA LYS A 131 1.83 -7.86 -0.52
C LYS A 131 2.82 -8.66 -1.35
N VAL A 132 4.01 -8.11 -1.57
CA VAL A 132 5.08 -8.79 -2.28
C VAL A 132 6.05 -9.37 -1.27
N CYS A 133 6.25 -10.69 -1.31
CA CYS A 133 7.04 -11.39 -0.31
C CYS A 133 8.26 -12.01 -0.98
N SER A 134 9.42 -11.78 -0.37
CA SER A 134 10.67 -12.42 -0.77
C SER A 134 11.10 -13.37 0.33
N PHE A 135 11.22 -14.65 0.00
CA PHE A 135 11.53 -15.68 1.00
C PHE A 135 10.51 -15.68 2.14
N GLY A 136 9.25 -15.40 1.79
CA GLY A 136 8.17 -15.40 2.77
C GLY A 136 8.24 -14.29 3.80
N LYS A 137 8.60 -13.08 3.37
CA LYS A 137 8.67 -11.92 4.25
C LYS A 137 8.28 -10.71 3.43
N GLN A 138 7.19 -10.03 3.83
CA GLN A 138 6.75 -8.84 3.13
C GLN A 138 7.93 -7.94 2.83
N VAL A 139 8.12 -7.59 1.57
CA VAL A 139 9.16 -6.65 1.15
C VAL A 139 8.57 -5.32 0.71
N VAL A 140 7.41 -5.34 0.06
CA VAL A 140 6.68 -4.13 -0.28
C VAL A 140 5.19 -4.44 -0.31
N GLU A 141 4.40 -3.53 0.25
CA GLU A 141 2.96 -3.66 0.27
C GLU A 141 2.32 -2.41 -0.31
N LYS A 142 1.28 -2.61 -1.12
CA LYS A 142 0.44 -1.52 -1.63
C LYS A 142 -1.01 -1.78 -1.24
N VAL A 143 -1.70 -0.73 -0.78
CA VAL A 143 -3.09 -0.83 -0.40
C VAL A 143 -3.88 0.24 -1.14
N GLU A 144 -4.84 -0.17 -1.96
CA GLU A 144 -5.71 0.75 -2.70
C GLU A 144 -7.17 0.56 -2.28
N THR A 145 -7.98 1.57 -2.57
CA THR A 145 -9.43 1.52 -2.35
C THR A 145 -10.17 1.92 -3.62
N GLU A 146 -11.17 1.13 -4.01
CA GLU A 146 -11.94 1.39 -5.23
C GLU A 146 -13.42 1.28 -4.92
N ARG A 147 -14.13 2.39 -5.06
CA ARG A 147 -15.59 2.41 -4.94
C ARG A 147 -16.22 1.79 -6.17
N ALA A 148 -17.41 1.23 -5.99
CA ALA A 148 -18.07 0.53 -7.09
C ALA A 148 -18.61 1.52 -8.12
N GLN A 149 -18.82 1.02 -9.33
CA GLN A 149 -19.36 1.85 -10.40
C GLN A 149 -20.43 1.04 -11.13
N LEU A 150 -21.66 1.53 -11.05
CA LEU A 150 -22.77 0.84 -11.70
C LEU A 150 -22.52 0.73 -13.20
N GLU A 151 -22.92 -0.42 -13.76
CA GLU A 151 -22.84 -0.62 -15.20
C GLU A 151 -24.06 -1.42 -15.62
N ASP A 152 -23.91 -2.53 -16.33
CA ASP A 152 -25.12 -3.20 -16.82
C ASP A 152 -25.69 -4.08 -15.71
N GLY A 153 -26.31 -3.42 -14.72
CA GLY A 153 -26.80 -4.09 -13.54
C GLY A 153 -25.66 -4.42 -12.59
N ARG A 154 -24.62 -5.04 -13.13
CA ARG A 154 -23.43 -5.37 -12.36
C ARG A 154 -22.67 -4.10 -11.94
N PHE A 155 -21.79 -4.28 -10.96
CA PHE A 155 -20.87 -3.23 -10.54
C PHE A 155 -19.46 -3.60 -10.98
N VAL A 156 -18.73 -2.62 -11.47
CA VAL A 156 -17.35 -2.81 -11.91
C VAL A 156 -16.44 -2.03 -10.96
N TYR A 157 -15.32 -2.63 -10.60
CA TYR A 157 -14.31 -1.98 -9.78
C TYR A 157 -13.03 -1.94 -10.58
N ARG A 158 -12.56 -0.76 -10.90
CA ARG A 158 -11.50 -0.64 -11.86
C ARG A 158 -10.31 0.05 -11.29
N LEU A 159 -9.24 -0.72 -11.20
CA LEU A 159 -7.93 -0.22 -10.76
C LEU A 159 -6.99 -0.45 -11.93
N LEU A 160 -7.05 0.44 -12.89
CA LEU A 160 -6.33 0.27 -14.14
C LEU A 160 -5.05 1.09 -14.11
N ARG A 161 -4.00 0.53 -14.69
CA ARG A 161 -2.78 1.29 -14.94
C ARG A 161 -2.14 1.85 -13.66
N SER A 162 -2.32 1.18 -12.51
CA SER A 162 -1.50 1.52 -11.35
C SER A 162 -0.03 1.38 -11.75
N PRO A 163 0.80 2.39 -11.50
CA PRO A 163 2.24 2.21 -11.73
C PRO A 163 2.80 1.09 -10.88
N MET A 164 3.53 0.19 -11.54
CA MET A 164 4.21 -0.88 -10.83
C MET A 164 5.20 -0.27 -9.85
N CYS A 165 5.27 -0.82 -8.64
CA CYS A 165 6.20 -0.25 -7.67
C CYS A 165 7.63 -0.49 -8.14
N GLU A 166 8.52 0.47 -7.87
CA GLU A 166 9.88 0.39 -8.39
C GLU A 166 10.67 -0.80 -7.85
N TYR A 167 10.22 -1.48 -6.79
CA TYR A 167 10.91 -2.70 -6.40
C TYR A 167 10.71 -3.77 -7.47
N LEU A 168 9.49 -3.88 -8.00
CA LEU A 168 9.22 -4.91 -8.99
C LEU A 168 9.83 -4.56 -10.34
N VAL A 169 9.79 -3.29 -10.74
CA VAL A 169 10.44 -2.90 -11.98
C VAL A 169 11.92 -3.22 -11.91
N ASN A 170 12.56 -2.85 -10.80
CA ASN A 170 13.96 -3.25 -10.59
C ASN A 170 14.09 -4.76 -10.58
N PHE A 171 13.31 -5.44 -9.75
CA PHE A 171 13.42 -6.89 -9.69
C PHE A 171 13.33 -7.52 -11.09
N LEU A 172 12.31 -7.13 -11.88
CA LEU A 172 12.14 -7.66 -13.23
C LEU A 172 13.37 -7.41 -14.10
N HIS A 173 13.88 -6.19 -14.09
CA HIS A 173 15.09 -5.93 -14.85
C HIS A 173 16.23 -6.87 -14.41
N LYS A 174 16.46 -6.98 -13.11
CA LYS A 174 17.46 -7.92 -12.63
C LYS A 174 17.20 -9.33 -13.16
N LEU A 175 15.94 -9.77 -13.12
CA LEU A 175 15.63 -11.14 -13.53
C LEU A 175 15.86 -11.32 -15.03
N ARG A 176 15.54 -10.30 -15.82
CA ARG A 176 15.81 -10.33 -17.26
C ARG A 176 17.25 -10.71 -17.56
N GLN A 177 18.19 -10.31 -16.69
CA GLN A 177 19.62 -10.44 -16.95
C GLN A 177 20.14 -11.85 -16.70
N LEU A 178 19.53 -12.60 -15.80
CA LEU A 178 20.08 -13.88 -15.41
C LEU A 178 20.41 -14.70 -16.66
N PRO A 179 21.50 -15.48 -16.64
CA PRO A 179 21.96 -16.14 -17.88
C PRO A 179 21.20 -17.38 -18.26
N GLU A 180 20.34 -17.92 -17.39
CA GLU A 180 19.72 -19.22 -17.63
C GLU A 180 18.30 -19.22 -17.07
N ARG A 181 17.37 -19.82 -17.81
CA ARG A 181 15.98 -19.87 -17.34
C ARG A 181 15.89 -20.57 -15.98
N TYR A 182 16.68 -21.63 -15.78
CA TYR A 182 16.56 -22.35 -14.52
C TYR A 182 17.03 -21.50 -13.34
N MET A 183 17.83 -20.44 -13.59
CA MET A 183 18.18 -19.55 -12.46
C MET A 183 17.05 -18.60 -12.12
N MET A 184 16.46 -17.94 -13.14
CA MET A 184 15.21 -17.21 -12.95
C MET A 184 14.23 -18.06 -12.17
N ASN A 185 14.10 -19.32 -12.55
CA ASN A 185 13.11 -20.16 -11.90
C ASN A 185 13.44 -20.38 -10.42
N SER A 186 14.71 -20.58 -10.06
CA SER A 186 14.93 -20.79 -8.64
C SER A 186 14.92 -19.48 -7.88
N VAL A 187 15.34 -18.37 -8.50
CA VAL A 187 15.07 -17.07 -7.88
C VAL A 187 13.57 -16.93 -7.64
N LEU A 188 12.78 -17.02 -8.71
CA LEU A 188 11.33 -16.87 -8.56
C LEU A 188 10.73 -17.88 -7.59
N GLU A 189 11.45 -18.95 -7.25
CA GLU A 189 10.96 -19.93 -6.28
C GLU A 189 10.68 -19.29 -4.93
N ASN A 190 11.39 -18.21 -4.62
CA ASN A 190 11.26 -17.55 -3.33
C ASN A 190 10.45 -16.27 -3.42
N PHE A 191 9.77 -16.03 -4.54
CA PHE A 191 9.11 -14.74 -4.79
C PHE A 191 7.63 -14.99 -4.94
N THR A 192 6.85 -14.64 -3.94
CA THR A 192 5.41 -14.79 -4.04
C THR A 192 4.72 -13.45 -3.80
N ILE A 193 3.45 -13.38 -4.20
CA ILE A 193 2.64 -12.20 -3.99
C ILE A 193 1.29 -12.63 -3.42
N LEU A 194 0.77 -11.84 -2.48
CA LEU A 194 -0.53 -12.16 -1.88
C LEU A 194 -1.44 -10.96 -2.04
N GLN A 195 -2.56 -11.15 -2.74
CA GLN A 195 -3.57 -10.09 -2.88
C GLN A 195 -4.74 -10.42 -1.96
N VAL A 196 -5.17 -9.43 -1.18
CA VAL A 196 -6.30 -9.59 -0.27
C VAL A 196 -7.32 -8.50 -0.58
N VAL A 197 -8.49 -8.89 -1.06
CA VAL A 197 -9.57 -7.96 -1.38
C VAL A 197 -10.61 -8.05 -0.28
N THR A 198 -10.85 -6.94 0.40
CA THR A 198 -11.75 -6.92 1.53
C THR A 198 -12.79 -5.83 1.33
N ASN A 199 -13.98 -6.08 1.86
CA ASN A 199 -15.05 -5.09 1.88
C ASN A 199 -14.69 -3.99 2.89
N ARG A 200 -14.42 -2.77 2.40
CA ARG A 200 -13.88 -1.73 3.29
C ARG A 200 -14.87 -1.35 4.38
N ASP A 201 -16.16 -1.44 4.10
CA ASP A 201 -17.10 -1.06 5.16
C ASP A 201 -17.28 -2.20 6.16
N THR A 202 -17.32 -3.44 5.66
CA THR A 202 -17.64 -4.59 6.50
C THR A 202 -16.42 -5.26 7.10
N GLN A 203 -15.28 -5.24 6.42
CA GLN A 203 -14.07 -5.97 6.78
C GLN A 203 -14.16 -7.41 6.33
N GLU A 204 -15.30 -7.87 5.81
CA GLU A 204 -15.38 -9.21 5.25
C GLU A 204 -14.35 -9.36 4.14
N LEU A 205 -13.50 -10.38 4.26
CA LEU A 205 -12.64 -10.74 3.14
C LEU A 205 -13.52 -11.24 2.00
N LEU A 206 -13.27 -10.71 0.80
CA LEU A 206 -14.02 -11.13 -0.38
C LEU A 206 -13.24 -12.03 -1.31
N LEU A 207 -11.91 -11.87 -1.37
CA LEU A 207 -11.09 -12.65 -2.27
C LEU A 207 -9.65 -12.61 -1.76
N CYS A 208 -9.01 -13.77 -1.70
CA CYS A 208 -7.59 -13.87 -1.35
C CYS A 208 -6.90 -14.70 -2.42
N THR A 209 -5.83 -14.15 -3.00
CA THR A 209 -5.16 -14.76 -4.15
C THR A 209 -3.66 -14.78 -3.88
N ALA A 210 -3.09 -15.98 -3.74
CA ALA A 210 -1.66 -16.15 -3.68
C ALA A 210 -1.12 -16.43 -5.07
N TYR A 211 0.02 -15.80 -5.38
CA TYR A 211 0.67 -15.92 -6.69
C TYR A 211 2.07 -16.54 -6.51
N VAL A 212 2.33 -17.64 -7.22
CA VAL A 212 3.68 -18.19 -7.34
C VAL A 212 4.11 -18.08 -8.79
N PHE A 213 5.41 -18.18 -9.05
CA PHE A 213 5.95 -17.75 -10.33
C PHE A 213 7.00 -18.72 -10.91
N GLU A 214 7.01 -18.76 -12.25
CA GLU A 214 8.06 -19.32 -13.08
C GLU A 214 8.16 -18.44 -14.32
N VAL A 215 9.14 -18.71 -15.18
CA VAL A 215 9.24 -17.99 -16.43
C VAL A 215 8.75 -18.89 -17.55
N SER A 216 8.49 -18.30 -18.69
CA SER A 216 8.01 -19.05 -19.84
C SER A 216 9.01 -18.89 -20.98
N THR A 217 9.23 -19.99 -21.71
CA THR A 217 10.07 -20.00 -22.91
C THR A 217 9.38 -19.19 -23.99
N SER A 218 9.82 -17.94 -24.17
CA SER A 218 8.94 -16.89 -24.68
C SER A 218 8.51 -17.01 -26.14
N GLU A 219 8.66 -18.19 -26.76
CA GLU A 219 7.75 -18.50 -27.86
C GLU A 219 6.34 -18.66 -27.31
N ARG A 220 6.21 -19.44 -26.24
CA ARG A 220 5.02 -19.37 -25.41
C ARG A 220 5.04 -18.04 -24.68
N GLY A 221 3.92 -17.35 -24.68
CA GLY A 221 3.83 -16.14 -23.89
C GLY A 221 3.47 -16.47 -22.46
N ALA A 222 3.03 -15.46 -21.75
CA ALA A 222 2.53 -15.65 -20.41
C ALA A 222 1.45 -16.72 -20.41
N GLN A 223 1.44 -17.55 -19.39
CA GLN A 223 0.37 -18.51 -19.19
C GLN A 223 0.10 -18.55 -17.70
N HIS A 224 -1.01 -19.17 -17.31
CA HIS A 224 -1.35 -19.21 -15.90
C HIS A 224 -2.25 -20.40 -15.65
N HIS A 225 -2.48 -20.68 -14.37
CA HIS A 225 -3.27 -21.82 -13.93
C HIS A 225 -3.83 -21.43 -12.56
N ILE A 226 -5.12 -21.64 -12.36
CA ILE A 226 -5.82 -21.16 -11.20
C ILE A 226 -6.35 -22.36 -10.42
N TYR A 227 -6.06 -22.40 -9.12
CA TYR A 227 -6.52 -23.46 -8.24
C TYR A 227 -7.39 -22.87 -7.14
N ARG A 228 -8.29 -23.68 -6.61
CA ARG A 228 -8.85 -23.38 -5.30
C ARG A 228 -7.89 -23.82 -4.21
N LEU A 229 -7.84 -23.04 -3.12
CA LEU A 229 -7.05 -23.40 -1.94
C LEU A 229 -7.95 -24.04 -0.89
N VAL A 230 -7.57 -25.23 -0.45
CA VAL A 230 -8.42 -26.09 0.36
C VAL A 230 -7.69 -26.59 1.60
N ARG A 231 -8.29 -27.53 2.32
CA ARG A 231 -7.67 -28.10 3.52
C ARG A 231 -7.96 -29.59 3.71
N GLY B 7 0.70 26.75 12.03
CA GLY B 7 -0.07 25.53 11.88
C GLY B 7 0.43 24.64 10.76
N LEU B 8 0.00 23.39 10.76
CA LEU B 8 0.34 22.45 9.68
C LEU B 8 -0.72 22.57 8.59
N GLY B 9 -0.47 23.44 7.61
CA GLY B 9 -1.41 23.56 6.52
C GLY B 9 -1.10 24.75 5.63
N THR B 10 -1.86 24.85 4.54
CA THR B 10 -1.74 25.96 3.60
C THR B 10 -3.02 26.80 3.63
N ALA B 11 -3.07 27.77 2.72
CA ALA B 11 -4.30 28.51 2.46
C ALA B 11 -5.43 27.62 1.97
N ARG B 12 -5.13 26.40 1.50
CA ARG B 12 -6.13 25.55 0.88
C ARG B 12 -6.53 24.36 1.76
N LEU B 13 -5.69 23.96 2.70
CA LEU B 13 -5.98 22.75 3.45
C LEU B 13 -5.13 22.77 4.71
N GLN B 14 -5.74 22.36 5.80
CA GLN B 14 -5.03 22.30 7.07
C GLN B 14 -5.37 20.99 7.75
N LEU B 15 -4.42 20.50 8.51
CA LEU B 15 -4.60 19.40 9.39
C LEU B 15 -5.32 19.91 10.59
N VAL B 16 -6.35 19.24 11.02
CA VAL B 16 -7.01 19.64 12.25
C VAL B 16 -6.74 18.65 13.38
N GLU B 17 -6.54 17.37 13.06
CA GLU B 17 -6.17 16.35 14.01
C GLU B 17 -5.53 15.21 13.26
N PHE B 18 -4.59 14.54 13.93
CA PHE B 18 -4.00 13.31 13.43
C PHE B 18 -3.57 12.49 14.65
N SER B 19 -3.97 11.22 14.67
CA SER B 19 -3.58 10.34 15.75
C SER B 19 -3.34 8.95 15.19
N ALA B 20 -2.42 8.23 15.82
CA ALA B 20 -2.30 6.79 15.61
C ALA B 20 -2.42 6.14 16.98
N PHE B 21 -3.09 4.99 17.04
CA PHE B 21 -3.56 4.53 18.34
C PHE B 21 -3.80 3.02 18.33
N VAL B 22 -3.90 2.45 19.53
CA VAL B 22 -4.36 1.08 19.69
C VAL B 22 -5.55 1.09 20.63
N GLU B 23 -6.63 0.44 20.21
CA GLU B 23 -7.90 0.31 20.91
C GLU B 23 -8.03 -1.13 21.38
N PRO B 24 -8.37 -1.39 22.65
CA PRO B 24 -8.35 -2.78 23.14
C PRO B 24 -9.46 -3.60 22.50
N PRO B 25 -9.44 -4.94 22.67
CA PRO B 25 -10.37 -5.91 22.08
C PRO B 25 -11.78 -5.37 21.86
N ARG B 33 -8.59 4.19 24.30
CA ARG B 33 -7.49 4.10 23.34
C ARG B 33 -6.14 4.33 24.03
N HIS B 34 -5.08 4.08 23.28
CA HIS B 34 -3.73 4.53 23.61
C HIS B 34 -3.19 5.18 22.35
N LEU B 35 -2.79 6.43 22.45
CA LEU B 35 -2.27 7.15 21.30
C LEU B 35 -0.76 7.02 21.24
N PHE B 36 -0.26 6.37 20.19
CA PHE B 36 1.17 6.38 19.92
C PHE B 36 1.66 7.78 19.57
N VAL B 37 0.89 8.52 18.77
CA VAL B 37 1.21 9.91 18.42
C VAL B 37 -0.09 10.62 18.12
N HIS B 38 -0.10 11.94 18.32
CA HIS B 38 -1.34 12.69 18.19
C HIS B 38 -1.04 14.16 17.89
N ILE B 39 -1.57 14.65 16.78
CA ILE B 39 -1.53 16.08 16.46
C ILE B 39 -2.96 16.59 16.55
N SER B 40 -3.24 17.42 17.55
CA SER B 40 -4.53 18.07 17.68
C SER B 40 -4.34 19.56 17.48
N GLN B 41 -5.08 20.14 16.54
CA GLN B 41 -4.92 21.55 16.24
C GLN B 41 -6.25 22.24 16.49
N HIS B 42 -7.06 22.46 15.46
CA HIS B 42 -8.41 23.04 15.57
C HIS B 42 -8.42 24.57 15.58
N PRO B 49 3.65 32.30 17.37
CA PRO B 49 4.91 32.21 16.64
C PRO B 49 4.90 31.22 15.49
N PRO B 50 5.60 31.55 14.41
CA PRO B 50 5.63 30.67 13.23
C PRO B 50 6.28 29.33 13.55
N LEU B 51 6.17 28.42 12.59
CA LEU B 51 6.88 27.15 12.71
C LEU B 51 8.35 27.36 12.42
N GLU B 52 9.18 26.55 13.08
CA GLU B 52 10.59 26.51 12.74
C GLU B 52 10.76 25.92 11.35
N SER B 53 11.91 26.16 10.75
CA SER B 53 12.16 25.68 9.39
C SER B 53 13.34 24.73 9.39
N VAL B 54 13.22 23.70 8.55
CA VAL B 54 14.22 22.64 8.40
C VAL B 54 14.52 22.52 6.91
N ASP B 55 15.81 22.47 6.56
CA ASP B 55 16.17 22.36 5.16
C ASP B 55 15.91 20.94 4.67
N VAL B 56 15.01 20.82 3.69
CA VAL B 56 14.58 19.52 3.18
C VAL B 56 15.77 18.68 2.71
N ARG B 57 16.81 19.35 2.19
CA ARG B 57 18.02 18.63 1.82
C ARG B 57 18.50 17.71 2.93
N GLN B 58 18.30 18.12 4.19
CA GLN B 58 18.82 17.36 5.32
C GLN B 58 18.12 16.01 5.49
N ILE B 59 17.08 15.71 4.71
CA ILE B 59 16.32 14.48 4.94
C ILE B 59 16.00 13.76 3.64
N TYR B 60 16.79 14.00 2.59
CA TYR B 60 16.56 13.29 1.32
C TYR B 60 16.94 11.82 1.44
N ASP B 61 18.03 11.54 2.15
CA ASP B 61 18.46 10.19 2.48
C ASP B 61 17.33 9.35 3.09
N LYS B 62 16.41 10.00 3.82
CA LYS B 62 15.40 9.32 4.61
C LYS B 62 14.20 8.87 3.79
N PHE B 63 14.19 9.09 2.48
CA PHE B 63 13.06 8.72 1.66
C PHE B 63 13.58 8.27 0.27
N PRO B 64 12.80 7.48 -0.43
CA PRO B 64 13.24 7.04 -1.77
C PRO B 64 13.57 8.24 -2.65
N GLU B 65 14.79 8.26 -3.16
CA GLU B 65 15.13 9.15 -4.26
C GLU B 65 14.56 8.65 -5.57
N LYS B 66 13.66 7.67 -5.49
CA LYS B 66 13.28 6.86 -6.65
C LYS B 66 11.87 7.23 -7.10
N LYS B 67 11.72 8.50 -7.46
CA LYS B 67 10.48 9.05 -8.01
C LYS B 67 9.33 8.93 -7.04
N GLY B 68 8.55 10.01 -6.91
CA GLY B 68 7.51 10.09 -5.93
C GLY B 68 8.00 10.42 -4.53
N GLY B 69 9.32 10.36 -4.30
CA GLY B 69 9.88 10.69 -3.01
C GLY B 69 10.17 12.17 -2.87
N LEU B 70 10.66 12.54 -1.68
CA LEU B 70 10.86 13.93 -1.29
C LEU B 70 11.47 14.80 -2.39
N ARG B 71 12.71 14.51 -2.78
CA ARG B 71 13.39 15.37 -3.75
C ARG B 71 12.50 15.67 -4.95
N GLU B 72 11.86 14.64 -5.48
CA GLU B 72 10.97 14.81 -6.63
C GLU B 72 9.83 15.78 -6.31
N LEU B 73 9.02 15.44 -5.32
CA LEU B 73 7.88 16.26 -4.93
C LEU B 73 8.30 17.69 -4.66
N TYR B 74 9.32 17.88 -3.83
CA TYR B 74 9.73 19.24 -3.51
C TYR B 74 10.03 20.05 -4.76
N ASP B 75 10.57 19.41 -5.80
CA ASP B 75 11.03 20.16 -6.97
C ASP B 75 9.87 20.67 -7.81
N ARG B 76 8.75 19.94 -7.82
CA ARG B 76 7.53 20.42 -8.47
C ARG B 76 6.79 21.45 -7.63
N GLY B 77 6.96 21.45 -6.32
CA GLY B 77 6.36 22.45 -5.47
C GLY B 77 4.90 22.18 -5.23
N PRO B 78 4.20 23.16 -4.62
CA PRO B 78 4.72 24.44 -4.13
C PRO B 78 5.43 24.28 -2.81
N PRO B 79 6.60 24.91 -2.66
CA PRO B 79 7.38 24.73 -1.42
C PRO B 79 6.55 24.86 -0.16
N HIS B 80 5.75 25.92 -0.05
CA HIS B 80 4.99 26.22 1.15
C HIS B 80 4.07 25.09 1.60
N ALA B 81 3.93 24.02 0.82
CA ALA B 81 3.06 22.91 1.18
C ALA B 81 3.76 21.81 1.99
N PHE B 82 5.07 21.92 2.22
CA PHE B 82 5.88 20.79 2.69
C PHE B 82 6.27 20.96 4.15
N PHE B 83 5.83 20.03 4.98
CA PHE B 83 6.07 20.08 6.41
C PHE B 83 6.78 18.83 6.90
N LEU B 84 7.64 19.01 7.90
CA LEU B 84 8.28 17.92 8.63
C LEU B 84 7.70 17.87 10.04
N VAL B 85 7.20 16.72 10.44
CA VAL B 85 6.76 16.46 11.81
C VAL B 85 7.76 15.49 12.44
N LYS B 86 8.33 15.87 13.58
CA LYS B 86 9.10 14.94 14.38
C LYS B 86 8.20 14.41 15.48
N PHE B 87 8.08 13.09 15.59
CA PHE B 87 7.24 12.46 16.58
C PHE B 87 8.09 11.82 17.67
N TRP B 88 7.71 12.02 18.93
CA TRP B 88 8.22 11.21 20.04
C TRP B 88 7.08 10.31 20.48
N ALA B 89 7.12 9.04 20.08
CA ALA B 89 5.97 8.15 20.19
C ALA B 89 5.90 7.51 21.56
N ASP B 90 4.68 7.33 22.06
CA ASP B 90 4.45 6.62 23.31
C ASP B 90 4.18 5.16 22.98
N LEU B 91 5.17 4.29 23.18
CA LEU B 91 5.05 2.86 22.90
C LEU B 91 4.74 2.04 24.16
N ASN B 92 4.13 2.66 25.16
CA ASN B 92 3.89 2.03 26.45
C ASN B 92 2.38 1.85 26.61
N TRP B 93 1.89 0.64 26.37
CA TRP B 93 0.46 0.37 26.52
C TRP B 93 0.17 -1.05 27.03
N SER B 108 -0.92 -7.70 22.91
CA SER B 108 -1.45 -8.31 21.69
C SER B 108 -2.98 -8.49 21.74
N GLY B 109 -3.70 -7.90 20.80
CA GLY B 109 -5.12 -8.20 20.66
C GLY B 109 -6.04 -7.12 20.11
N GLY B 110 -5.63 -5.85 20.17
CA GLY B 110 -6.53 -4.75 19.87
C GLY B 110 -6.50 -4.30 18.42
N PHE B 111 -7.27 -3.25 18.15
CA PHE B 111 -7.42 -2.68 16.81
C PHE B 111 -6.48 -1.48 16.66
N TYR B 112 -5.58 -1.53 15.68
CA TYR B 112 -4.60 -0.48 15.44
C TYR B 112 -5.05 0.35 14.26
N GLY B 113 -5.23 1.65 14.49
CA GLY B 113 -5.79 2.52 13.48
C GLY B 113 -5.09 3.87 13.48
N VAL B 114 -5.30 4.59 12.39
CA VAL B 114 -4.86 5.99 12.26
C VAL B 114 -6.10 6.81 11.92
N SER B 115 -6.20 8.01 12.49
CA SER B 115 -7.29 8.93 12.17
C SER B 115 -6.70 10.25 11.70
N SER B 116 -7.10 10.69 10.51
CA SER B 116 -6.73 12.00 9.98
C SER B 116 -7.98 12.88 9.81
N GLN B 117 -7.80 14.16 9.99
CA GLN B 117 -8.91 15.08 9.73
C GLN B 117 -8.35 16.37 9.20
N TYR B 118 -8.75 16.73 7.98
CA TYR B 118 -8.37 17.99 7.38
C TYR B 118 -9.61 18.86 7.22
N GLU B 119 -9.37 20.15 7.02
CA GLU B 119 -10.47 21.05 6.76
C GLU B 119 -10.04 22.07 5.72
N SER B 120 -11.04 22.75 5.14
CA SER B 120 -10.80 23.68 4.05
C SER B 120 -12.02 24.57 3.81
N LEU B 121 -11.79 25.65 3.08
CA LEU B 121 -12.86 26.52 2.61
C LEU B 121 -13.41 26.13 1.23
N GLU B 122 -12.72 25.27 0.49
CA GLU B 122 -13.17 24.79 -0.81
C GLU B 122 -13.73 23.39 -0.68
N HIS B 123 -14.66 23.06 -1.56
CA HIS B 123 -15.13 21.69 -1.73
C HIS B 123 -14.22 20.99 -2.72
N MET B 124 -13.60 19.90 -2.27
CA MET B 124 -12.64 19.12 -3.04
C MET B 124 -12.87 17.64 -2.74
N THR B 125 -12.21 16.79 -3.50
CA THR B 125 -12.01 15.40 -3.10
C THR B 125 -10.51 15.18 -2.96
N LEU B 126 -10.09 14.72 -1.79
CA LEU B 126 -8.66 14.54 -1.52
C LEU B 126 -8.25 13.09 -1.82
N THR B 127 -7.13 12.92 -2.50
CA THR B 127 -6.44 11.62 -2.53
C THR B 127 -5.24 11.68 -1.61
N CYS B 128 -5.26 10.86 -0.56
CA CYS B 128 -4.20 10.84 0.44
C CYS B 128 -3.36 9.58 0.29
N SER B 129 -2.05 9.76 0.25
CA SER B 129 -1.12 8.65 0.03
C SER B 129 -0.12 8.61 1.18
N SER B 130 0.06 7.44 1.76
CA SER B 130 1.06 7.26 2.80
C SER B 130 2.12 6.31 2.27
N LYS B 131 3.37 6.72 2.38
CA LYS B 131 4.51 5.89 2.02
C LYS B 131 5.28 5.64 3.29
N VAL B 132 5.22 4.42 3.80
CA VAL B 132 6.09 4.02 4.89
C VAL B 132 7.42 3.59 4.29
N CYS B 133 8.52 4.13 4.81
CA CYS B 133 9.85 3.76 4.36
C CYS B 133 10.69 3.19 5.51
N SER B 134 11.48 2.18 5.21
CA SER B 134 12.54 1.78 6.11
C SER B 134 13.82 1.72 5.30
N PHE B 135 14.90 2.29 5.84
CA PHE B 135 16.15 2.45 5.11
C PHE B 135 15.91 3.09 3.74
N GLY B 136 15.24 4.25 3.77
CA GLY B 136 15.00 5.03 2.56
C GLY B 136 14.33 4.28 1.40
N LYS B 137 13.78 3.12 1.67
CA LYS B 137 13.11 2.30 0.68
C LYS B 137 11.67 2.09 1.11
N GLN B 138 10.74 2.32 0.17
CA GLN B 138 9.31 2.26 0.46
C GLN B 138 8.86 0.82 0.63
N VAL B 139 8.32 0.48 1.80
CA VAL B 139 7.79 -0.86 2.02
C VAL B 139 6.27 -0.93 1.98
N VAL B 140 5.56 0.19 2.18
CA VAL B 140 4.11 0.22 2.28
C VAL B 140 3.61 1.52 1.64
N GLU B 141 2.71 1.41 0.65
CA GLU B 141 1.98 2.57 0.17
C GLU B 141 0.48 2.35 0.33
N LYS B 142 -0.15 3.31 0.98
CA LYS B 142 -1.59 3.33 1.23
C LYS B 142 -2.18 4.53 0.50
N VAL B 143 -3.23 4.30 -0.29
CA VAL B 143 -3.90 5.39 -0.99
C VAL B 143 -5.39 5.33 -0.70
N GLU B 144 -5.96 6.41 -0.18
CA GLU B 144 -7.42 6.51 -0.15
C GLU B 144 -7.86 7.92 -0.52
N THR B 145 -9.16 8.03 -0.77
CA THR B 145 -9.79 9.28 -1.18
C THR B 145 -10.91 9.61 -0.19
N GLU B 146 -11.11 10.91 0.05
CA GLU B 146 -12.16 11.38 0.94
C GLU B 146 -12.81 12.59 0.27
N ARG B 147 -14.14 12.56 0.18
CA ARG B 147 -14.90 13.68 -0.37
C ARG B 147 -15.17 14.71 0.72
N ALA B 148 -15.19 15.98 0.34
CA ALA B 148 -15.49 17.03 1.31
C ALA B 148 -16.87 16.81 1.89
N GLN B 149 -17.05 17.23 3.14
CA GLN B 149 -18.33 17.20 3.82
C GLN B 149 -18.57 18.56 4.46
N LEU B 150 -19.75 19.13 4.26
CA LEU B 150 -20.06 20.45 4.80
C LEU B 150 -20.32 20.35 6.30
N GLU B 151 -19.69 21.23 7.07
CA GLU B 151 -19.87 21.23 8.51
C GLU B 151 -19.47 22.57 9.08
N ASP B 152 -20.43 23.30 9.67
CA ASP B 152 -20.13 24.50 10.41
C ASP B 152 -19.42 25.51 9.50
N GLY B 153 -20.04 25.78 8.36
CA GLY B 153 -19.50 26.74 7.40
C GLY B 153 -18.15 26.36 6.84
N ARG B 154 -17.66 25.16 7.15
CA ARG B 154 -16.35 24.70 6.69
C ARG B 154 -16.50 23.39 5.91
N PHE B 155 -15.49 23.07 5.13
CA PHE B 155 -15.42 21.74 4.55
C PHE B 155 -14.46 20.89 5.38
N VAL B 156 -14.89 19.68 5.69
CA VAL B 156 -14.13 18.77 6.54
C VAL B 156 -13.91 17.46 5.79
N TYR B 157 -12.74 16.87 6.00
CA TYR B 157 -12.37 15.61 5.36
C TYR B 157 -11.94 14.65 6.45
N ARG B 158 -12.65 13.53 6.59
CA ARG B 158 -12.43 12.65 7.72
C ARG B 158 -12.06 11.26 7.24
N LEU B 159 -10.80 10.88 7.47
CA LEU B 159 -10.31 9.52 7.26
C LEU B 159 -10.05 8.96 8.66
N LEU B 160 -11.08 8.34 9.24
CA LEU B 160 -11.03 7.90 10.63
C LEU B 160 -11.03 6.39 10.71
N ARG B 161 -10.29 5.87 11.69
CA ARG B 161 -10.17 4.43 11.95
C ARG B 161 -9.75 3.66 10.70
N SER B 162 -8.81 4.22 9.94
CA SER B 162 -8.13 3.39 8.93
C SER B 162 -7.34 2.28 9.63
N PRO B 163 -7.59 1.01 9.31
CA PRO B 163 -6.75 -0.07 9.83
C PRO B 163 -5.29 0.16 9.47
N MET B 164 -4.47 0.33 10.50
CA MET B 164 -3.03 0.45 10.31
C MET B 164 -2.51 -0.78 9.57
N CYS B 165 -1.71 -0.57 8.53
CA CYS B 165 -1.24 -1.69 7.73
C CYS B 165 -0.49 -2.66 8.61
N GLU B 166 -0.70 -3.95 8.37
CA GLU B 166 -0.18 -4.95 9.29
C GLU B 166 1.33 -4.89 9.39
N TYR B 167 2.01 -4.31 8.41
CA TYR B 167 3.45 -4.08 8.56
C TYR B 167 3.70 -3.22 9.80
N LEU B 168 3.11 -2.03 9.83
CA LEU B 168 3.29 -1.16 11.00
C LEU B 168 2.98 -1.89 12.30
N VAL B 169 1.94 -2.72 12.32
CA VAL B 169 1.55 -3.41 13.55
C VAL B 169 2.69 -4.28 14.06
N ASN B 170 3.17 -5.19 13.22
CA ASN B 170 4.24 -6.09 13.65
C ASN B 170 5.51 -5.31 14.00
N PHE B 171 5.81 -4.24 13.25
CA PHE B 171 6.93 -3.38 13.64
C PHE B 171 6.71 -2.76 15.01
N LEU B 172 5.49 -2.31 15.30
CA LEU B 172 5.21 -1.81 16.65
C LEU B 172 5.42 -2.90 17.68
N HIS B 173 5.10 -4.14 17.34
CA HIS B 173 5.18 -5.18 18.35
CA HIS B 173 5.17 -5.24 18.30
C HIS B 173 6.62 -5.63 18.58
N LYS B 174 7.47 -5.63 17.54
CA LYS B 174 8.88 -5.89 17.79
C LYS B 174 9.56 -4.68 18.43
N LEU B 175 9.12 -3.47 18.11
CA LEU B 175 9.72 -2.30 18.73
C LEU B 175 9.35 -2.24 20.20
N ARG B 176 8.16 -2.63 20.56
CA ARG B 176 7.80 -2.39 21.94
C ARG B 176 8.60 -3.19 22.93
N GLN B 177 9.20 -4.27 22.48
CA GLN B 177 9.90 -5.14 23.44
C GLN B 177 11.38 -4.82 23.59
N LEU B 178 11.96 -4.05 22.68
CA LEU B 178 13.33 -3.62 22.87
C LEU B 178 13.57 -3.18 24.32
N PRO B 179 14.71 -3.57 24.89
CA PRO B 179 14.95 -3.32 26.32
C PRO B 179 15.17 -1.86 26.68
N GLU B 180 15.60 -1.02 25.75
CA GLU B 180 16.05 0.32 26.11
C GLU B 180 15.58 1.32 25.07
N ARG B 181 15.20 2.51 25.55
CA ARG B 181 14.69 3.55 24.66
C ARG B 181 15.71 3.91 23.60
N TYR B 182 17.00 3.96 23.98
CA TYR B 182 18.02 4.31 22.99
C TYR B 182 18.13 3.26 21.91
N MET B 183 17.69 2.03 22.20
CA MET B 183 17.62 1.02 21.15
C MET B 183 16.44 1.23 20.22
N MET B 184 15.29 1.71 20.75
CA MET B 184 14.18 2.07 19.86
C MET B 184 14.59 3.21 18.95
N ASN B 185 15.17 4.28 19.51
CA ASN B 185 15.62 5.39 18.68
C ASN B 185 16.56 4.91 17.59
N SER B 186 17.47 3.98 17.93
CA SER B 186 18.39 3.45 16.92
C SER B 186 17.63 2.81 15.78
N VAL B 187 16.69 1.93 16.08
CA VAL B 187 15.89 1.29 15.04
C VAL B 187 15.08 2.33 14.28
N LEU B 188 14.38 3.19 15.02
CA LEU B 188 13.52 4.20 14.41
C LEU B 188 14.29 5.17 13.52
N GLU B 189 15.56 5.43 13.81
CA GLU B 189 16.28 6.37 12.95
C GLU B 189 16.27 5.97 11.47
N ASN B 190 15.79 4.76 11.12
CA ASN B 190 15.73 4.27 9.75
C ASN B 190 14.31 4.16 9.21
N PHE B 191 13.33 4.70 9.91
CA PHE B 191 11.93 4.43 9.61
C PHE B 191 11.24 5.77 9.46
N THR B 192 10.61 6.01 8.31
CA THR B 192 9.96 7.30 8.06
C THR B 192 8.66 7.11 7.30
N ILE B 193 7.80 8.12 7.40
CA ILE B 193 6.52 8.12 6.72
C ILE B 193 6.33 9.43 5.95
N LEU B 194 5.94 9.33 4.69
CA LEU B 194 5.67 10.48 3.85
C LEU B 194 4.20 10.44 3.50
N GLN B 195 3.53 11.57 3.64
CA GLN B 195 2.11 11.71 3.32
C GLN B 195 1.90 12.82 2.31
N VAL B 196 1.35 12.48 1.16
CA VAL B 196 1.08 13.42 0.09
C VAL B 196 -0.44 13.51 -0.08
N VAL B 197 -1.01 14.66 0.27
CA VAL B 197 -2.41 14.98 0.02
C VAL B 197 -2.48 15.86 -1.21
N THR B 198 -3.20 15.39 -2.23
CA THR B 198 -3.37 16.13 -3.46
C THR B 198 -4.87 16.24 -3.77
N ASN B 199 -5.18 17.25 -4.59
CA ASN B 199 -6.52 17.44 -5.13
C ASN B 199 -6.82 16.33 -6.14
N ARG B 200 -7.70 15.40 -5.77
CA ARG B 200 -8.02 14.29 -6.65
C ARG B 200 -8.40 14.81 -8.03
N ASP B 201 -9.32 15.78 -8.08
CA ASP B 201 -9.90 16.21 -9.35
C ASP B 201 -8.91 16.95 -10.23
N THR B 202 -7.83 17.45 -9.65
CA THR B 202 -7.00 18.39 -10.37
C THR B 202 -5.51 18.10 -10.25
N GLN B 203 -5.13 17.09 -9.46
CA GLN B 203 -3.77 16.59 -9.30
C GLN B 203 -2.84 17.55 -8.58
N GLU B 204 -3.32 18.72 -8.15
CA GLU B 204 -2.49 19.64 -7.38
C GLU B 204 -2.11 19.02 -6.03
N LEU B 205 -0.89 19.30 -5.60
CA LEU B 205 -0.42 18.88 -4.28
C LEU B 205 -0.85 19.85 -3.22
N LEU B 206 -1.45 19.36 -2.14
CA LEU B 206 -1.97 20.25 -1.12
C LEU B 206 -1.06 20.27 0.10
N LEU B 207 -1.03 19.19 0.86
CA LEU B 207 -0.06 18.98 1.92
C LEU B 207 0.88 17.84 1.54
N CYS B 208 2.13 17.97 1.98
CA CYS B 208 3.09 16.86 1.95
C CYS B 208 3.89 16.94 3.25
N THR B 209 3.71 15.95 4.13
CA THR B 209 4.41 15.86 5.40
C THR B 209 5.37 14.70 5.43
N ALA B 210 6.56 14.95 5.94
CA ALA B 210 7.51 13.91 6.31
C ALA B 210 7.42 13.69 7.81
N TYR B 211 7.31 12.41 8.21
CA TYR B 211 7.37 12.01 9.61
C TYR B 211 8.67 11.28 9.92
N VAL B 212 9.38 11.73 10.97
CA VAL B 212 10.51 11.03 11.56
C VAL B 212 10.20 10.75 13.02
N PHE B 213 10.89 9.78 13.60
CA PHE B 213 10.43 9.18 14.85
C PHE B 213 11.54 8.96 15.86
N GLU B 214 11.19 9.20 17.12
CA GLU B 214 11.90 8.73 18.30
C GLU B 214 10.84 8.25 19.27
N VAL B 215 11.27 7.92 20.46
CA VAL B 215 10.40 7.31 21.44
C VAL B 215 10.41 8.21 22.66
N SER B 216 9.22 8.46 23.20
CA SER B 216 9.11 9.17 24.45
C SER B 216 9.12 8.17 25.60
N THR B 217 8.99 8.67 26.81
CA THR B 217 8.83 7.81 27.96
C THR B 217 7.37 7.83 28.41
N SER B 218 7.06 6.95 29.35
CA SER B 218 5.70 6.83 29.87
C SER B 218 5.25 8.15 30.50
N GLU B 219 6.06 8.69 31.41
CA GLU B 219 5.82 10.03 31.91
C GLU B 219 6.28 11.05 30.87
N ARG B 220 5.43 12.05 30.65
CA ARG B 220 5.51 13.07 29.60
C ARG B 220 5.02 12.58 28.23
N GLY B 221 4.78 11.28 28.04
CA GLY B 221 4.01 10.83 26.89
C GLY B 221 4.34 11.43 25.54
N ALA B 222 3.53 11.06 24.54
CA ALA B 222 3.73 11.49 23.16
C ALA B 222 3.98 12.99 23.04
N GLN B 223 4.90 13.35 22.16
CA GLN B 223 5.07 14.73 21.77
C GLN B 223 5.42 14.79 20.29
N HIS B 224 5.27 15.99 19.72
CA HIS B 224 5.62 16.18 18.32
C HIS B 224 6.20 17.57 18.20
N HIS B 225 6.78 17.85 17.04
CA HIS B 225 7.31 19.17 16.77
C HIS B 225 7.21 19.36 15.27
N ILE B 226 6.40 20.32 14.87
CA ILE B 226 6.05 20.52 13.48
C ILE B 226 7.01 21.53 12.92
N TYR B 227 7.61 21.22 11.78
CA TYR B 227 8.52 22.15 11.13
C TYR B 227 8.06 22.44 9.71
N ARG B 228 8.68 23.45 9.14
CA ARG B 228 8.48 23.81 7.74
C ARG B 228 9.68 23.32 6.94
N LEU B 229 9.43 22.85 5.73
CA LEU B 229 10.50 22.38 4.86
C LEU B 229 10.86 23.49 3.87
N VAL B 230 12.12 23.93 3.91
CA VAL B 230 12.62 25.00 3.06
C VAL B 230 13.91 24.52 2.40
N ARG B 231 14.47 25.36 1.53
CA ARG B 231 15.75 25.02 0.90
C ARG B 231 16.55 26.25 0.46
#